data_1NG5
#
_entry.id   1NG5
#
_cell.length_a   71.158
_cell.length_b   104.383
_cell.length_c   58.158
_cell.angle_alpha   90.00
_cell.angle_beta   90.00
_cell.angle_gamma   90.00
#
_symmetry.space_group_name_H-M   'P 21 21 2'
#
loop_
_entity.id
_entity.type
_entity.pdbx_description
1 polymer 'sortase B'
2 water water
#
_entity_poly.entity_id   1
_entity_poly.type   'polypeptide(L)'
_entity_poly.pdbx_seq_one_letter_code
;MEDKQERANYEKLQQKFQMLMSKHQAHVRPQFESLEKINKDIVGWIKLSGTSLNYPVLQGKTNHDYLNLDFEREHRRKGS
IFMDFRNELKNLNHNTILYGHHVGDNTMFDVLEDYLKQSFYEKHKIIEFDNKYGKYQLQVFSAYKTTTKDNYIRTDFEND
QDYQQFLDETKRKSVINSDVNVTVKDKIMTLSTCEDAYSETTKRIVVVAKIIKVS
;
_entity_poly.pdbx_strand_id   A,B
#
# COMPACT_ATOMS: atom_id res chain seq x y z
N GLN A 5 10.32 30.42 13.92
CA GLN A 5 10.38 28.98 14.31
C GLN A 5 9.20 28.20 13.75
N GLU A 6 8.89 28.42 12.47
CA GLU A 6 7.80 27.73 11.79
C GLU A 6 8.14 26.24 11.67
N ARG A 7 9.40 25.95 11.38
CA ARG A 7 9.89 24.57 11.23
C ARG A 7 9.79 23.83 12.56
N ALA A 8 10.35 24.44 13.60
CA ALA A 8 10.33 23.84 14.92
C ALA A 8 8.89 23.57 15.32
N ASN A 9 8.02 24.51 14.99
CA ASN A 9 6.61 24.37 15.32
C ASN A 9 6.06 23.12 14.65
N TYR A 10 6.33 22.96 13.37
CA TYR A 10 5.83 21.78 12.69
C TYR A 10 6.44 20.52 13.33
N GLU A 11 7.71 20.61 13.72
CA GLU A 11 8.37 19.47 14.36
C GLU A 11 7.64 19.12 15.63
N LYS A 12 7.32 20.15 16.39
CA LYS A 12 6.60 19.98 17.63
C LYS A 12 5.29 19.24 17.34
N LEU A 13 4.54 19.74 16.36
CA LEU A 13 3.25 19.18 15.97
C LEU A 13 3.38 17.75 15.44
N GLN A 14 4.40 17.50 14.62
CA GLN A 14 4.61 16.18 14.07
C GLN A 14 4.89 15.19 15.21
N GLN A 15 5.66 15.66 16.19
CA GLN A 15 6.01 14.82 17.31
C GLN A 15 4.78 14.48 18.15
N LYS A 16 3.90 15.45 18.33
CA LYS A 16 2.69 15.22 19.09
C LYS A 16 1.86 14.14 18.38
N PHE A 17 1.69 14.31 17.06
CA PHE A 17 0.91 13.38 16.28
C PHE A 17 1.47 11.96 16.33
N GLN A 18 2.79 11.81 16.28
CA GLN A 18 3.40 10.49 16.35
C GLN A 18 3.01 9.78 17.66
N MET A 19 3.00 10.56 18.74
CA MET A 19 2.65 10.07 20.06
C MET A 19 1.19 9.63 20.01
N LEU A 20 0.34 10.46 19.42
CA LEU A 20 -1.08 10.15 19.32
C LEU A 20 -1.37 8.85 18.58
N MET A 21 -0.64 8.63 17.48
CA MET A 21 -0.79 7.42 16.68
C MET A 21 -0.33 6.19 17.47
N SER A 22 0.70 6.37 18.29
CA SER A 22 1.22 5.28 19.10
C SER A 22 0.21 4.99 20.19
N LYS A 23 -0.17 6.04 20.89
CA LYS A 23 -1.13 5.93 21.98
C LYS A 23 -2.38 5.21 21.51
N HIS A 24 -3.11 5.84 20.60
CA HIS A 24 -4.35 5.29 20.07
C HIS A 24 -4.07 4.47 18.82
N GLN A 25 -3.07 3.60 18.90
CA GLN A 25 -2.69 2.76 17.77
C GLN A 25 -3.91 2.22 17.03
N ALA A 26 -4.63 1.29 17.66
CA ALA A 26 -5.80 0.66 17.06
C ALA A 26 -7.03 1.56 16.93
N HIS A 27 -6.82 2.87 16.99
CA HIS A 27 -7.93 3.83 16.90
C HIS A 27 -7.74 4.82 15.75
N VAL A 28 -8.72 5.71 15.58
CA VAL A 28 -8.68 6.70 14.51
C VAL A 28 -9.23 8.08 14.89
N ARG A 29 -10.28 8.10 15.71
CA ARG A 29 -10.89 9.36 16.13
C ARG A 29 -10.13 10.22 17.15
N PRO A 30 -9.64 9.61 18.25
CA PRO A 30 -8.89 10.28 19.32
C PRO A 30 -7.75 11.20 18.88
N GLN A 31 -7.02 10.77 17.85
CA GLN A 31 -5.91 11.56 17.33
C GLN A 31 -6.35 12.93 16.80
N PHE A 32 -7.45 12.91 16.06
CA PHE A 32 -7.98 14.13 15.48
C PHE A 32 -8.89 14.88 16.42
N GLU A 33 -9.32 14.22 17.50
CA GLU A 33 -10.14 14.91 18.49
C GLU A 33 -9.13 15.85 19.13
N SER A 34 -7.94 15.32 19.33
CA SER A 34 -6.83 16.05 19.93
C SER A 34 -6.43 17.22 19.02
N LEU A 35 -6.23 16.91 17.75
CA LEU A 35 -5.84 17.91 16.76
C LEU A 35 -6.87 19.03 16.65
N GLU A 36 -8.14 18.67 16.73
CA GLU A 36 -9.22 19.64 16.63
C GLU A 36 -9.15 20.68 17.73
N LYS A 37 -8.71 20.27 18.91
CA LYS A 37 -8.58 21.23 20.00
C LYS A 37 -7.57 22.29 19.62
N ILE A 38 -6.70 21.98 18.67
CA ILE A 38 -5.70 22.94 18.19
C ILE A 38 -6.45 23.90 17.27
N ASN A 39 -7.06 23.35 16.24
CA ASN A 39 -7.80 24.12 15.26
C ASN A 39 -8.84 23.17 14.69
N LYS A 40 -10.10 23.42 14.97
CA LYS A 40 -11.15 22.55 14.49
C LYS A 40 -11.10 22.37 12.97
N ASP A 41 -10.32 23.20 12.26
CA ASP A 41 -10.23 23.07 10.80
C ASP A 41 -9.24 22.02 10.29
N ILE A 42 -8.56 21.32 11.19
CA ILE A 42 -7.61 20.29 10.79
C ILE A 42 -8.43 19.03 10.55
N VAL A 43 -8.61 18.69 9.27
CA VAL A 43 -9.40 17.53 8.86
C VAL A 43 -8.60 16.26 8.63
N GLY A 44 -7.28 16.36 8.65
CA GLY A 44 -6.49 15.17 8.42
C GLY A 44 -5.00 15.35 8.55
N TRP A 45 -4.27 14.31 8.16
CA TRP A 45 -2.82 14.33 8.24
C TRP A 45 -2.24 13.56 7.06
N ILE A 46 -1.21 14.11 6.43
CA ILE A 46 -0.55 13.48 5.30
C ILE A 46 0.93 13.23 5.63
N LYS A 47 1.43 12.07 5.25
CA LYS A 47 2.82 11.75 5.56
C LYS A 47 3.47 10.76 4.59
N LEU A 48 4.71 11.05 4.22
CA LEU A 48 5.49 10.19 3.33
C LEU A 48 6.80 9.97 4.07
N SER A 49 6.98 8.78 4.64
CA SER A 49 8.20 8.49 5.38
C SER A 49 9.45 8.73 4.55
N GLY A 50 10.46 9.29 5.19
CA GLY A 50 11.71 9.54 4.48
C GLY A 50 11.73 10.89 3.80
N THR A 51 10.60 11.60 3.84
CA THR A 51 10.54 12.91 3.20
C THR A 51 10.05 13.97 4.19
N SER A 52 10.11 15.23 3.77
CA SER A 52 9.69 16.35 4.59
C SER A 52 8.18 16.42 4.69
N LEU A 53 7.49 15.69 3.82
CA LEU A 53 6.02 15.66 3.79
C LEU A 53 5.46 14.95 5.02
N ASN A 54 5.05 15.73 6.02
CA ASN A 54 4.52 15.20 7.28
C ASN A 54 3.85 16.38 7.99
N TYR A 55 2.66 16.74 7.51
CA TYR A 55 1.93 17.87 8.07
C TYR A 55 0.43 17.62 8.20
N PRO A 56 -0.28 18.53 8.88
CA PRO A 56 -1.73 18.37 9.04
C PRO A 56 -2.38 18.95 7.79
N VAL A 57 -3.60 18.52 7.50
CA VAL A 57 -4.34 19.00 6.33
C VAL A 57 -5.58 19.76 6.83
N LEU A 58 -5.64 21.06 6.56
CA LEU A 58 -6.77 21.86 7.01
C LEU A 58 -7.76 22.12 5.90
N GLN A 59 -8.93 22.61 6.27
CA GLN A 59 -9.96 22.94 5.30
C GLN A 59 -10.81 24.07 5.84
N GLY A 60 -10.95 25.12 5.03
CA GLY A 60 -11.75 26.27 5.41
C GLY A 60 -12.94 26.40 4.46
N LYS A 61 -13.76 27.43 4.65
CA LYS A 61 -14.94 27.65 3.82
C LYS A 61 -14.60 27.98 2.36
N THR A 62 -13.36 28.35 2.08
CA THR A 62 -12.95 28.69 0.72
C THR A 62 -11.55 28.14 0.43
N ASN A 63 -11.13 28.24 -0.83
CA ASN A 63 -9.82 27.75 -1.18
C ASN A 63 -8.70 28.73 -0.85
N HIS A 64 -9.03 29.81 -0.15
CA HIS A 64 -8.01 30.77 0.22
C HIS A 64 -7.90 30.95 1.73
N ASP A 65 -8.80 30.32 2.47
CA ASP A 65 -8.77 30.42 3.93
C ASP A 65 -7.40 30.10 4.52
N TYR A 66 -6.76 29.05 4.00
CA TYR A 66 -5.46 28.62 4.51
C TYR A 66 -4.27 28.70 3.57
N LEU A 67 -4.39 29.49 2.50
CA LEU A 67 -3.28 29.64 1.56
C LEU A 67 -2.12 30.26 2.29
N ASN A 68 -2.39 31.27 3.11
CA ASN A 68 -1.33 31.94 3.86
C ASN A 68 -1.49 31.93 5.38
N LEU A 69 -2.02 30.83 5.92
CA LEU A 69 -2.21 30.67 7.37
C LEU A 69 -1.82 29.26 7.74
N ASP A 70 -1.13 29.08 8.87
CA ASP A 70 -0.75 27.73 9.27
C ASP A 70 -1.81 27.13 10.19
N PHE A 71 -1.58 25.89 10.63
CA PHE A 71 -2.55 25.18 11.46
C PHE A 71 -3.06 25.93 12.69
N GLU A 72 -2.24 26.81 13.26
CA GLU A 72 -2.70 27.57 14.40
C GLU A 72 -3.08 29.00 14.03
N ARG A 73 -3.70 29.16 12.86
CA ARG A 73 -4.16 30.45 12.36
C ARG A 73 -3.11 31.57 12.37
N GLU A 74 -1.85 31.23 12.14
CA GLU A 74 -0.80 32.24 12.12
C GLU A 74 -0.46 32.65 10.67
N HIS A 75 -0.28 33.95 10.45
CA HIS A 75 0.05 34.45 9.11
C HIS A 75 1.36 33.91 8.59
N ARG A 76 1.31 33.10 7.54
CA ARG A 76 2.53 32.56 6.96
C ARG A 76 2.48 32.39 5.44
N ARG A 77 3.55 32.81 4.80
CA ARG A 77 3.64 32.73 3.35
C ARG A 77 3.31 31.32 2.96
N LYS A 78 4.08 30.38 3.50
CA LYS A 78 3.89 28.97 3.15
C LYS A 78 2.55 28.38 3.58
N GLY A 79 1.80 29.15 4.37
CA GLY A 79 0.49 28.69 4.82
C GLY A 79 0.41 27.25 5.30
N SER A 80 -0.56 26.50 4.77
CA SER A 80 -0.76 25.11 5.15
C SER A 80 -1.05 24.22 3.96
N ILE A 81 -1.08 22.91 4.23
CA ILE A 81 -1.46 21.94 3.22
C ILE A 81 -2.96 21.95 3.48
N PHE A 82 -3.76 22.27 2.47
CA PHE A 82 -5.20 22.33 2.67
C PHE A 82 -6.04 21.59 1.64
N MET A 83 -7.20 21.11 2.08
CA MET A 83 -8.12 20.37 1.23
C MET A 83 -9.10 21.33 0.58
N ASP A 84 -9.38 21.10 -0.70
CA ASP A 84 -10.32 21.94 -1.44
C ASP A 84 -11.60 22.06 -0.61
N PHE A 85 -12.08 23.28 -0.45
CA PHE A 85 -13.27 23.55 0.35
C PHE A 85 -14.50 22.77 -0.13
N ARG A 86 -14.48 22.32 -1.39
CA ARG A 86 -15.58 21.58 -1.97
C ARG A 86 -15.65 20.10 -1.56
N ASN A 87 -14.50 19.54 -1.20
CA ASN A 87 -14.44 18.14 -0.82
C ASN A 87 -15.06 17.82 0.52
N GLU A 88 -15.62 16.63 0.60
CA GLU A 88 -16.29 16.10 1.79
C GLU A 88 -15.41 14.94 2.28
N LEU A 89 -15.32 14.75 3.59
CA LEU A 89 -14.51 13.67 4.13
C LEU A 89 -15.29 12.40 4.48
N LYS A 90 -16.36 12.58 5.25
CA LYS A 90 -17.20 11.47 5.66
C LYS A 90 -17.52 10.59 4.46
N ASN A 91 -17.95 11.21 3.38
CA ASN A 91 -18.30 10.51 2.15
C ASN A 91 -17.44 11.07 1.00
N LEU A 92 -16.18 10.68 0.97
CA LEU A 92 -15.22 11.15 -0.03
C LEU A 92 -15.71 11.13 -1.47
N ASN A 93 -15.53 12.25 -2.14
CA ASN A 93 -15.94 12.40 -3.55
C ASN A 93 -15.02 11.61 -4.47
N HIS A 94 -15.29 11.68 -5.77
CA HIS A 94 -14.51 11.00 -6.79
C HIS A 94 -13.04 11.37 -6.71
N ASN A 95 -12.79 12.67 -6.69
CA ASN A 95 -11.44 13.18 -6.60
C ASN A 95 -11.38 14.25 -5.53
N THR A 96 -10.52 14.05 -4.55
CA THR A 96 -10.33 14.99 -3.47
C THR A 96 -8.99 15.70 -3.65
N ILE A 97 -9.04 17.03 -3.69
CA ILE A 97 -7.83 17.83 -3.91
C ILE A 97 -7.33 18.60 -2.69
N LEU A 98 -6.04 18.48 -2.41
CA LEU A 98 -5.47 19.26 -1.33
C LEU A 98 -4.31 20.00 -2.01
N TYR A 99 -4.02 21.19 -1.51
CA TYR A 99 -2.98 22.04 -2.10
C TYR A 99 -1.91 22.42 -1.09
N GLY A 100 -0.76 22.86 -1.61
CA GLY A 100 0.34 23.26 -0.76
C GLY A 100 1.44 23.97 -1.53
N HIS A 101 2.14 24.87 -0.85
CA HIS A 101 3.21 25.64 -1.47
C HIS A 101 4.42 24.81 -1.90
N HIS A 102 5.16 25.37 -2.85
CA HIS A 102 6.35 24.77 -3.43
C HIS A 102 7.36 25.91 -3.58
N VAL A 103 7.91 26.32 -2.44
CA VAL A 103 8.83 27.44 -2.36
C VAL A 103 10.31 27.10 -2.58
N GLY A 104 10.63 25.82 -2.59
CA GLY A 104 12.01 25.42 -2.80
C GLY A 104 12.88 25.46 -1.56
N ASP A 105 12.45 24.74 -0.52
CA ASP A 105 13.23 24.64 0.71
C ASP A 105 12.84 23.33 1.38
N ASN A 106 12.49 22.35 0.55
CA ASN A 106 12.09 21.03 0.99
C ASN A 106 11.09 21.08 2.13
N THR A 107 10.00 21.80 1.92
CA THR A 107 8.94 21.90 2.92
C THR A 107 7.61 21.87 2.19
N MET A 108 6.54 21.59 2.92
CA MET A 108 5.21 21.54 2.33
C MET A 108 5.19 20.64 1.08
N PHE A 109 4.77 21.17 -0.05
CA PHE A 109 4.72 20.30 -1.23
C PHE A 109 5.95 20.35 -2.14
N ASP A 110 7.13 20.55 -1.58
CA ASP A 110 8.31 20.56 -2.43
C ASP A 110 8.57 19.15 -2.92
N VAL A 111 8.14 18.17 -2.11
CA VAL A 111 8.33 16.76 -2.46
C VAL A 111 7.65 16.32 -3.75
N LEU A 112 6.57 17.00 -4.14
CA LEU A 112 5.82 16.67 -5.35
C LEU A 112 6.69 16.64 -6.59
N GLU A 113 7.66 17.56 -6.62
CA GLU A 113 8.57 17.68 -7.73
C GLU A 113 9.36 16.38 -7.92
N ASP A 114 9.70 15.75 -6.80
CA ASP A 114 10.46 14.50 -6.78
C ASP A 114 9.74 13.33 -7.45
N TYR A 115 8.41 13.34 -7.37
CA TYR A 115 7.59 12.31 -7.96
C TYR A 115 7.65 12.39 -9.48
N LEU A 116 8.43 13.33 -10.00
CA LEU A 116 8.58 13.52 -11.44
C LEU A 116 9.70 12.66 -11.99
N LYS A 117 10.48 12.06 -11.08
CA LYS A 117 11.57 11.17 -11.44
C LYS A 117 11.04 9.77 -11.19
N GLN A 118 11.29 8.85 -12.11
CA GLN A 118 10.80 7.50 -11.96
C GLN A 118 11.37 6.76 -10.74
N SER A 119 12.63 7.04 -10.42
CA SER A 119 13.32 6.42 -9.30
C SER A 119 12.79 6.79 -7.94
N PHE A 120 12.37 8.04 -7.79
CA PHE A 120 11.83 8.50 -6.52
C PHE A 120 10.47 7.81 -6.35
N TYR A 121 9.71 7.77 -7.43
CA TYR A 121 8.41 7.10 -7.42
C TYR A 121 8.52 5.65 -6.93
N GLU A 122 9.49 4.90 -7.45
CA GLU A 122 9.67 3.49 -7.07
C GLU A 122 9.94 3.27 -5.60
N LYS A 123 10.55 4.25 -4.93
CA LYS A 123 10.85 4.12 -3.51
C LYS A 123 9.88 4.87 -2.59
N HIS A 124 8.88 5.50 -3.19
CA HIS A 124 7.88 6.24 -2.43
C HIS A 124 6.52 6.04 -3.09
N LYS A 125 6.18 4.79 -3.38
CA LYS A 125 4.93 4.50 -4.05
C LYS A 125 3.65 4.86 -3.27
N ILE A 126 3.69 4.74 -1.95
CA ILE A 126 2.51 5.01 -1.12
C ILE A 126 2.63 6.12 -0.10
N ILE A 127 1.66 7.03 -0.09
CA ILE A 127 1.65 8.12 0.86
C ILE A 127 0.57 7.84 1.90
N GLU A 128 0.86 8.17 3.16
CA GLU A 128 -0.10 7.93 4.23
C GLU A 128 -1.05 9.11 4.38
N PHE A 129 -2.32 8.81 4.63
CA PHE A 129 -3.30 9.87 4.83
C PHE A 129 -4.35 9.39 5.84
N ASP A 130 -4.53 10.15 6.92
CA ASP A 130 -5.51 9.80 7.95
C ASP A 130 -6.47 10.93 8.30
N ASN A 131 -7.58 10.57 8.92
CA ASN A 131 -8.59 11.51 9.36
C ASN A 131 -9.46 10.82 10.39
N LYS A 132 -10.44 11.54 10.95
CA LYS A 132 -11.33 10.99 11.96
C LYS A 132 -12.09 9.75 11.55
N TYR A 133 -12.20 9.52 10.24
CA TYR A 133 -12.94 8.37 9.68
C TYR A 133 -12.13 7.12 9.32
N GLY A 134 -10.81 7.16 9.49
CA GLY A 134 -10.01 6.00 9.17
C GLY A 134 -8.62 6.35 8.65
N LYS A 135 -7.82 5.30 8.44
CA LYS A 135 -6.47 5.45 7.91
C LYS A 135 -6.53 5.10 6.43
N TYR A 136 -5.69 5.73 5.61
CA TYR A 136 -5.71 5.45 4.19
C TYR A 136 -4.33 5.45 3.57
N GLN A 137 -4.22 4.74 2.46
CA GLN A 137 -3.00 4.67 1.67
C GLN A 137 -3.28 5.41 0.39
N LEU A 138 -2.32 6.24 -0.03
CA LEU A 138 -2.45 6.98 -1.26
C LEU A 138 -1.41 6.36 -2.19
N GLN A 139 -1.87 5.52 -3.12
CA GLN A 139 -0.97 4.87 -4.07
C GLN A 139 -0.84 5.74 -5.31
N VAL A 140 0.29 6.43 -5.40
CA VAL A 140 0.57 7.31 -6.51
C VAL A 140 0.59 6.53 -7.82
N PHE A 141 0.01 7.10 -8.86
CA PHE A 141 0.01 6.43 -10.16
C PHE A 141 0.20 7.45 -11.29
N SER A 142 0.40 8.70 -10.92
CA SER A 142 0.60 9.78 -11.88
C SER A 142 1.20 11.03 -11.23
N ALA A 143 2.13 11.65 -11.95
CA ALA A 143 2.81 12.87 -11.51
C ALA A 143 3.25 13.65 -12.74
N TYR A 144 2.75 14.87 -12.90
CA TYR A 144 3.13 15.65 -14.06
C TYR A 144 3.14 17.16 -13.80
N LYS A 145 3.79 17.90 -14.69
CA LYS A 145 3.82 19.35 -14.57
C LYS A 145 2.74 19.85 -15.50
N THR A 146 1.99 20.85 -15.06
CA THR A 146 0.93 21.41 -15.90
C THR A 146 0.79 22.92 -15.67
N THR A 147 -0.42 23.43 -15.86
CA THR A 147 -0.69 24.84 -15.66
C THR A 147 -2.10 24.99 -15.09
N THR A 148 -2.48 26.23 -14.82
CA THR A 148 -3.80 26.55 -14.28
C THR A 148 -4.89 26.56 -15.36
N LYS A 149 -4.48 26.39 -16.62
CA LYS A 149 -5.42 26.38 -17.74
C LYS A 149 -6.11 25.02 -17.85
N ASP A 150 -5.47 24.00 -17.28
CA ASP A 150 -5.98 22.63 -17.27
C ASP A 150 -6.57 22.33 -15.89
N ASN A 151 -7.88 22.05 -15.80
CA ASN A 151 -8.39 21.76 -14.47
C ASN A 151 -8.48 20.28 -14.12
N TYR A 152 -7.46 19.85 -13.39
CA TYR A 152 -7.29 18.50 -12.88
C TYR A 152 -7.91 18.56 -11.49
N ILE A 153 -8.52 19.71 -11.24
CA ILE A 153 -9.15 20.05 -9.98
C ILE A 153 -10.65 19.75 -9.98
N ARG A 154 -11.10 18.90 -10.89
CA ARG A 154 -12.51 18.54 -10.93
C ARG A 154 -12.85 17.60 -9.78
N THR A 155 -13.91 17.95 -9.05
CA THR A 155 -14.39 17.20 -7.89
C THR A 155 -15.23 15.96 -8.24
N ASP A 156 -16.25 16.15 -9.06
CA ASP A 156 -17.10 15.03 -9.44
C ASP A 156 -17.37 15.00 -10.93
N PHE A 157 -17.90 13.88 -11.38
CA PHE A 157 -18.15 13.68 -12.79
C PHE A 157 -19.59 13.26 -13.10
N GLU A 158 -20.09 13.70 -14.25
CA GLU A 158 -21.45 13.43 -14.69
C GLU A 158 -21.77 11.93 -14.70
N ASN A 159 -20.75 11.13 -15.00
CA ASN A 159 -20.91 9.69 -15.07
C ASN A 159 -19.56 9.04 -15.29
N ASP A 160 -19.56 7.71 -15.16
CA ASP A 160 -18.37 6.89 -15.34
C ASP A 160 -17.63 7.19 -16.65
N GLN A 161 -18.38 7.40 -17.73
CA GLN A 161 -17.76 7.70 -19.01
C GLN A 161 -16.94 8.98 -18.83
N ASP A 162 -17.52 9.95 -18.11
CA ASP A 162 -16.89 11.23 -17.83
C ASP A 162 -15.68 11.04 -16.92
N TYR A 163 -15.87 10.26 -15.86
CA TYR A 163 -14.81 9.96 -14.89
C TYR A 163 -13.72 9.07 -15.52
N GLN A 164 -14.14 8.19 -16.43
CA GLN A 164 -13.22 7.30 -17.13
C GLN A 164 -12.27 8.17 -17.94
N GLN A 165 -12.86 9.13 -18.66
CA GLN A 165 -12.11 10.07 -19.48
C GLN A 165 -11.02 10.73 -18.62
N PHE A 166 -11.46 11.36 -17.53
CA PHE A 166 -10.58 12.05 -16.60
C PHE A 166 -9.42 11.16 -16.15
N LEU A 167 -9.75 9.93 -15.75
CA LEU A 167 -8.76 8.96 -15.32
C LEU A 167 -7.79 8.65 -16.45
N ASP A 168 -8.35 8.55 -17.66
CA ASP A 168 -7.55 8.26 -18.86
C ASP A 168 -6.50 9.33 -19.11
N GLU A 169 -6.94 10.58 -19.15
CA GLU A 169 -6.04 11.69 -19.38
C GLU A 169 -5.02 11.77 -18.27
N THR A 170 -5.48 11.57 -17.04
CA THR A 170 -4.60 11.61 -15.87
C THR A 170 -3.39 10.70 -16.09
N LYS A 171 -3.62 9.50 -16.58
CA LYS A 171 -2.54 8.58 -16.82
C LYS A 171 -1.74 9.00 -18.05
N ARG A 172 -2.42 9.45 -19.08
CA ARG A 172 -1.72 9.86 -20.29
C ARG A 172 -0.69 10.94 -19.97
N LYS A 173 -1.09 11.95 -19.20
CA LYS A 173 -0.20 13.03 -18.82
C LYS A 173 0.92 12.63 -17.84
N SER A 174 0.74 11.52 -17.13
CA SER A 174 1.75 11.10 -16.16
C SER A 174 3.12 11.03 -16.79
N VAL A 175 4.12 11.52 -16.06
CA VAL A 175 5.51 11.51 -16.49
C VAL A 175 6.17 10.22 -16.00
N ILE A 176 5.57 9.59 -15.01
CA ILE A 176 6.05 8.36 -14.40
C ILE A 176 5.12 7.23 -14.82
N ASN A 177 5.59 5.99 -14.71
CA ASN A 177 4.73 4.85 -15.04
C ASN A 177 4.60 3.95 -13.81
N SER A 178 3.39 3.46 -13.57
CA SER A 178 3.14 2.63 -12.40
C SER A 178 2.21 1.45 -12.69
N ASP A 179 2.51 0.32 -12.03
CA ASP A 179 1.73 -0.91 -12.18
C ASP A 179 0.36 -0.78 -11.55
N VAL A 180 0.16 0.24 -10.71
CA VAL A 180 -1.14 0.45 -10.07
C VAL A 180 -2.20 0.71 -11.12
N ASN A 181 -3.34 0.06 -10.99
CA ASN A 181 -4.42 0.24 -11.95
C ASN A 181 -5.57 0.93 -11.22
N VAL A 182 -6.23 1.82 -11.92
CA VAL A 182 -7.32 2.57 -11.33
C VAL A 182 -8.53 2.44 -12.24
N THR A 183 -9.71 2.22 -11.63
CA THR A 183 -10.94 2.10 -12.41
C THR A 183 -11.97 3.10 -11.91
N VAL A 184 -13.00 3.33 -12.74
CA VAL A 184 -14.06 4.26 -12.41
C VAL A 184 -14.79 3.93 -11.11
N LYS A 185 -14.41 2.83 -10.47
CA LYS A 185 -15.05 2.46 -9.21
C LYS A 185 -14.12 2.77 -8.03
N ASP A 186 -12.92 3.26 -8.34
CA ASP A 186 -11.96 3.62 -7.30
C ASP A 186 -12.04 5.12 -6.99
N LYS A 187 -11.59 5.49 -5.80
CA LYS A 187 -11.57 6.89 -5.39
C LYS A 187 -10.16 7.41 -5.63
N ILE A 188 -10.06 8.71 -5.94
CA ILE A 188 -8.77 9.34 -6.23
C ILE A 188 -8.46 10.57 -5.37
N MET A 189 -7.18 10.82 -5.17
CA MET A 189 -6.73 12.01 -4.45
C MET A 189 -5.62 12.63 -5.26
N THR A 190 -5.80 13.90 -5.61
CA THR A 190 -4.77 14.62 -6.35
C THR A 190 -4.10 15.61 -5.41
N LEU A 191 -2.78 15.65 -5.48
CA LEU A 191 -1.99 16.55 -4.66
C LEU A 191 -1.45 17.59 -5.64
N SER A 192 -1.72 18.87 -5.34
CA SER A 192 -1.31 19.98 -6.19
C SER A 192 -0.57 21.12 -5.47
N THR A 193 0.45 21.67 -6.14
CA THR A 193 1.20 22.80 -5.57
C THR A 193 0.28 24.01 -5.78
N CYS A 194 0.54 25.09 -5.06
CA CYS A 194 -0.28 26.28 -5.24
C CYS A 194 0.55 27.53 -5.08
N GLU A 195 0.02 28.65 -5.55
CA GLU A 195 0.69 29.94 -5.48
C GLU A 195 -0.19 30.92 -4.71
N ASP A 196 0.43 31.95 -4.12
CA ASP A 196 -0.33 32.96 -3.38
C ASP A 196 -1.39 33.55 -4.31
N ALA A 197 -2.37 34.24 -3.76
CA ALA A 197 -3.38 34.82 -4.59
C ALA A 197 -2.75 35.85 -5.51
N TYR A 198 -3.30 36.00 -6.71
CA TYR A 198 -2.82 36.98 -7.67
C TYR A 198 -1.35 36.81 -8.05
N SER A 199 -0.90 35.56 -8.09
CA SER A 199 0.47 35.23 -8.44
C SER A 199 0.44 34.94 -9.93
N GLU A 200 1.39 35.44 -10.71
CA GLU A 200 1.30 35.13 -12.12
C GLU A 200 1.93 33.81 -12.53
N THR A 201 2.44 33.08 -11.54
CA THR A 201 3.02 31.78 -11.81
C THR A 201 1.80 30.90 -12.02
N THR A 202 1.63 30.40 -13.23
CA THR A 202 0.50 29.53 -13.52
C THR A 202 0.94 28.07 -13.61
N LYS A 203 2.25 27.84 -13.66
CA LYS A 203 2.77 26.48 -13.74
C LYS A 203 2.53 25.75 -12.42
N ARG A 204 2.09 24.50 -12.52
CA ARG A 204 1.81 23.68 -11.33
C ARG A 204 2.38 22.27 -11.50
N ILE A 205 2.42 21.54 -10.39
CA ILE A 205 2.86 20.15 -10.38
C ILE A 205 1.76 19.37 -9.69
N VAL A 206 1.34 18.27 -10.31
CA VAL A 206 0.26 17.45 -9.78
C VAL A 206 0.65 15.99 -9.64
N VAL A 207 0.19 15.39 -8.54
CA VAL A 207 0.45 13.98 -8.26
C VAL A 207 -0.92 13.41 -7.92
N VAL A 208 -1.32 12.35 -8.61
CA VAL A 208 -2.62 11.72 -8.38
C VAL A 208 -2.43 10.31 -7.85
N ALA A 209 -3.18 9.98 -6.81
CA ALA A 209 -3.09 8.67 -6.18
C ALA A 209 -4.44 8.02 -5.95
N LYS A 210 -4.45 6.70 -5.95
CA LYS A 210 -5.64 5.88 -5.72
C LYS A 210 -5.83 5.79 -4.21
N ILE A 211 -6.97 6.25 -3.69
CA ILE A 211 -7.22 6.18 -2.26
C ILE A 211 -7.68 4.79 -1.82
N ILE A 212 -6.98 4.19 -0.87
CA ILE A 212 -7.36 2.87 -0.37
C ILE A 212 -7.47 2.92 1.14
N LYS A 213 -8.61 2.49 1.68
CA LYS A 213 -8.76 2.50 3.13
C LYS A 213 -8.18 1.25 3.77
N VAL A 214 -7.30 1.43 4.75
CA VAL A 214 -6.65 0.31 5.42
C VAL A 214 -7.01 0.26 6.90
N SER A 215 -7.95 1.10 7.32
CA SER A 215 -8.39 1.11 8.71
C SER A 215 -9.76 0.44 8.78
N GLN B 5 7.45 -24.74 -21.45
CA GLN B 5 6.28 -25.53 -20.97
C GLN B 5 5.81 -25.06 -19.59
N GLU B 6 6.61 -25.34 -18.56
CA GLU B 6 6.31 -24.95 -17.19
C GLU B 6 6.15 -23.43 -17.10
N ARG B 7 7.13 -22.70 -17.64
CA ARG B 7 7.08 -21.26 -17.65
C ARG B 7 5.86 -20.78 -18.45
N ALA B 8 5.56 -21.50 -19.52
CA ALA B 8 4.43 -21.18 -20.39
C ALA B 8 3.09 -21.46 -19.71
N ASN B 9 2.99 -22.62 -19.04
CA ASN B 9 1.76 -22.96 -18.35
C ASN B 9 1.43 -21.89 -17.31
N TYR B 10 2.45 -21.39 -16.61
CA TYR B 10 2.25 -20.34 -15.62
C TYR B 10 1.86 -19.07 -16.33
N GLU B 11 2.55 -18.79 -17.44
CA GLU B 11 2.31 -17.60 -18.25
C GLU B 11 0.86 -17.62 -18.74
N LYS B 12 0.37 -18.80 -19.08
CA LYS B 12 -1.00 -19.00 -19.55
C LYS B 12 -2.01 -18.78 -18.42
N LEU B 13 -1.67 -19.28 -17.22
CA LEU B 13 -2.51 -19.15 -16.05
C LEU B 13 -2.51 -17.71 -15.52
N GLN B 14 -1.35 -17.06 -15.57
CA GLN B 14 -1.25 -15.68 -15.10
C GLN B 14 -2.12 -14.80 -16.00
N GLN B 15 -2.06 -15.06 -17.30
CA GLN B 15 -2.84 -14.32 -18.28
C GLN B 15 -4.33 -14.52 -18.11
N LYS B 16 -4.75 -15.71 -17.69
CA LYS B 16 -6.17 -15.95 -17.48
C LYS B 16 -6.61 -15.24 -16.20
N PHE B 17 -5.76 -15.28 -15.18
CA PHE B 17 -6.07 -14.64 -13.91
C PHE B 17 -6.29 -13.14 -14.12
N GLN B 18 -5.46 -12.54 -14.97
CA GLN B 18 -5.56 -11.11 -15.27
C GLN B 18 -6.86 -10.82 -16.03
N MET B 19 -7.30 -11.79 -16.82
CA MET B 19 -8.54 -11.65 -17.58
C MET B 19 -9.69 -11.55 -16.58
N LEU B 20 -9.73 -12.49 -15.63
CA LEU B 20 -10.76 -12.55 -14.60
C LEU B 20 -10.73 -11.32 -13.69
N MET B 21 -9.54 -10.80 -13.40
CA MET B 21 -9.41 -9.63 -12.53
C MET B 21 -10.02 -8.40 -13.18
N SER B 22 -9.99 -8.34 -14.50
CA SER B 22 -10.54 -7.20 -15.22
C SER B 22 -12.03 -7.41 -15.45
N LYS B 23 -12.38 -8.68 -15.65
CA LYS B 23 -13.76 -9.10 -15.87
C LYS B 23 -14.57 -9.01 -14.59
N HIS B 24 -13.87 -8.98 -13.46
CA HIS B 24 -14.53 -8.91 -12.15
C HIS B 24 -13.92 -7.88 -11.23
N GLN B 25 -13.44 -6.79 -11.79
CA GLN B 25 -12.85 -5.70 -11.03
C GLN B 25 -12.79 -6.02 -9.54
N ALA B 26 -13.76 -5.48 -8.80
CA ALA B 26 -13.85 -5.65 -7.35
C ALA B 26 -14.16 -7.08 -6.89
N HIS B 27 -15.27 -7.63 -7.36
CA HIS B 27 -15.70 -8.98 -7.00
C HIS B 27 -14.56 -9.97 -7.07
N VAL B 28 -14.18 -10.53 -5.92
CA VAL B 28 -13.09 -11.48 -5.90
C VAL B 28 -13.56 -12.94 -5.88
N ARG B 29 -14.81 -13.15 -5.47
CA ARG B 29 -15.37 -14.49 -5.40
C ARG B 29 -15.47 -15.16 -6.77
N PRO B 30 -15.89 -14.42 -7.81
CA PRO B 30 -16.03 -14.97 -9.17
C PRO B 30 -14.71 -15.49 -9.75
N GLN B 31 -13.66 -14.68 -9.63
CA GLN B 31 -12.33 -15.02 -10.13
C GLN B 31 -11.85 -16.36 -9.62
N PHE B 32 -11.84 -16.52 -8.29
CA PHE B 32 -11.36 -17.75 -7.68
C PHE B 32 -12.20 -19.02 -7.85
N GLU B 33 -13.52 -18.90 -7.76
CA GLU B 33 -14.34 -20.09 -7.95
C GLU B 33 -14.06 -20.56 -9.37
N SER B 34 -13.59 -19.63 -10.20
CA SER B 34 -13.23 -19.93 -11.59
C SER B 34 -11.87 -20.68 -11.56
N LEU B 35 -10.95 -20.19 -10.74
CA LEU B 35 -9.64 -20.81 -10.56
C LEU B 35 -9.78 -22.22 -9.99
N GLU B 36 -10.80 -22.43 -9.15
CA GLU B 36 -11.03 -23.73 -8.53
C GLU B 36 -11.51 -24.82 -9.51
N LYS B 37 -11.92 -24.42 -10.70
CA LYS B 37 -12.35 -25.40 -11.68
C LYS B 37 -11.11 -26.04 -12.29
N ILE B 38 -9.94 -25.45 -12.07
CA ILE B 38 -8.71 -26.03 -12.59
C ILE B 38 -8.25 -27.01 -11.55
N ASN B 39 -8.29 -26.56 -10.31
CA ASN B 39 -7.87 -27.38 -9.16
C ASN B 39 -8.60 -26.83 -7.94
N LYS B 40 -9.39 -27.69 -7.32
CA LYS B 40 -10.15 -27.30 -6.14
C LYS B 40 -9.21 -26.80 -5.05
N ASP B 41 -7.95 -27.22 -5.10
CA ASP B 41 -6.97 -26.82 -4.10
C ASP B 41 -6.37 -25.44 -4.28
N ILE B 42 -6.77 -24.74 -5.34
CA ILE B 42 -6.23 -23.40 -5.54
C ILE B 42 -6.98 -22.54 -4.56
N VAL B 43 -6.24 -22.03 -3.58
CA VAL B 43 -6.79 -21.25 -2.49
C VAL B 43 -6.61 -19.73 -2.55
N GLY B 44 -5.68 -19.27 -3.37
CA GLY B 44 -5.47 -17.84 -3.45
C GLY B 44 -4.44 -17.47 -4.48
N TRP B 45 -4.06 -16.20 -4.52
CA TRP B 45 -3.06 -15.75 -5.49
C TRP B 45 -2.13 -14.71 -4.88
N ILE B 46 -0.83 -14.87 -5.13
CA ILE B 46 0.19 -13.95 -4.63
C ILE B 46 0.93 -13.26 -5.78
N LYS B 47 1.05 -11.94 -5.70
CA LYS B 47 1.70 -11.18 -6.74
C LYS B 47 2.35 -9.91 -6.22
N LEU B 48 3.55 -9.66 -6.72
CA LEU B 48 4.33 -8.48 -6.37
C LEU B 48 4.73 -7.85 -7.70
N SER B 49 4.12 -6.71 -8.03
CA SER B 49 4.42 -6.06 -9.29
C SER B 49 5.90 -5.80 -9.53
N GLY B 50 6.35 -6.08 -10.76
CA GLY B 50 7.73 -5.87 -11.12
C GLY B 50 8.62 -7.08 -10.97
N THR B 51 8.11 -8.14 -10.36
CA THR B 51 8.92 -9.34 -10.19
C THR B 51 8.21 -10.57 -10.77
N SER B 52 8.89 -11.70 -10.71
CA SER B 52 8.34 -12.94 -11.23
C SER B 52 7.29 -13.54 -10.29
N LEU B 53 7.15 -12.97 -9.09
CA LEU B 53 6.16 -13.47 -8.14
C LEU B 53 4.76 -13.11 -8.65
N ASN B 54 4.13 -14.09 -9.28
CA ASN B 54 2.80 -13.95 -9.86
C ASN B 54 2.36 -15.39 -10.04
N TYR B 55 1.92 -16.01 -8.96
CA TYR B 55 1.53 -17.41 -9.00
C TYR B 55 0.31 -17.75 -8.16
N PRO B 56 -0.31 -18.91 -8.44
CA PRO B 56 -1.49 -19.42 -7.73
C PRO B 56 -0.98 -19.96 -6.40
N VAL B 57 -1.81 -19.93 -5.37
CA VAL B 57 -1.42 -20.43 -4.06
C VAL B 57 -2.21 -21.72 -3.78
N LEU B 58 -1.49 -22.82 -3.58
CA LEU B 58 -2.11 -24.12 -3.34
C LEU B 58 -2.14 -24.52 -1.87
N GLN B 59 -3.10 -25.38 -1.54
CA GLN B 59 -3.17 -25.93 -0.20
C GLN B 59 -3.66 -27.36 -0.28
N GLY B 60 -2.82 -28.28 0.19
CA GLY B 60 -3.17 -29.69 0.20
C GLY B 60 -3.54 -30.09 1.60
N LYS B 61 -3.59 -31.39 1.86
CA LYS B 61 -3.96 -31.86 3.19
C LYS B 61 -2.70 -32.01 4.04
N THR B 62 -1.56 -31.83 3.41
CA THR B 62 -0.30 -31.94 4.12
C THR B 62 0.62 -30.84 3.63
N ASN B 63 1.76 -30.68 4.30
CA ASN B 63 2.73 -29.68 3.90
C ASN B 63 3.72 -30.22 2.86
N HIS B 64 3.32 -31.29 2.17
CA HIS B 64 4.17 -31.88 1.14
C HIS B 64 3.44 -32.43 -0.08
N ASP B 65 2.13 -32.24 -0.17
CA ASP B 65 1.43 -32.76 -1.33
C ASP B 65 1.53 -31.87 -2.58
N TYR B 66 2.04 -30.66 -2.40
CA TYR B 66 2.21 -29.75 -3.53
C TYR B 66 3.63 -29.23 -3.50
N LEU B 67 4.48 -29.92 -2.74
CA LEU B 67 5.90 -29.59 -2.62
C LEU B 67 6.57 -29.81 -3.98
N ASN B 68 6.07 -30.80 -4.72
CA ASN B 68 6.61 -31.10 -6.05
C ASN B 68 5.50 -31.26 -7.09
N LEU B 69 4.35 -30.63 -6.87
CA LEU B 69 3.27 -30.69 -7.85
C LEU B 69 2.84 -29.27 -8.14
N ASP B 70 2.55 -28.98 -9.41
CA ASP B 70 2.08 -27.67 -9.79
C ASP B 70 0.55 -27.62 -9.66
N PHE B 71 -0.05 -26.48 -10.01
CA PHE B 71 -1.48 -26.29 -9.89
C PHE B 71 -2.36 -27.28 -10.62
N GLU B 72 -1.80 -28.00 -11.59
CA GLU B 72 -2.58 -28.97 -12.33
C GLU B 72 -2.10 -30.37 -11.94
N ARG B 73 -1.50 -30.45 -10.75
CA ARG B 73 -1.00 -31.70 -10.20
C ARG B 73 -0.04 -32.50 -11.08
N GLU B 74 0.88 -31.81 -11.75
CA GLU B 74 1.88 -32.46 -12.58
C GLU B 74 3.19 -32.47 -11.78
N HIS B 75 3.85 -33.62 -11.73
CA HIS B 75 5.12 -33.73 -11.00
C HIS B 75 6.09 -32.68 -11.50
N ARG B 76 6.46 -31.75 -10.61
CA ARG B 76 7.40 -30.69 -10.95
C ARG B 76 8.40 -30.52 -9.81
N ARG B 77 9.64 -30.25 -10.14
CA ARG B 77 10.66 -30.09 -9.13
C ARG B 77 10.46 -28.83 -8.31
N LYS B 78 9.98 -27.77 -8.95
CA LYS B 78 9.74 -26.51 -8.23
C LYS B 78 8.39 -26.47 -7.51
N GLY B 79 7.56 -27.50 -7.74
CA GLY B 79 6.25 -27.58 -7.13
C GLY B 79 5.42 -26.34 -7.36
N SER B 80 4.89 -25.78 -6.27
CA SER B 80 4.09 -24.57 -6.36
C SER B 80 4.14 -23.86 -5.01
N ILE B 81 3.63 -22.63 -4.94
CA ILE B 81 3.60 -21.91 -3.67
C ILE B 81 2.38 -22.50 -2.96
N PHE B 82 2.59 -22.98 -1.74
CA PHE B 82 1.49 -23.59 -1.02
C PHE B 82 1.37 -23.09 0.41
N MET B 83 0.15 -23.12 0.92
CA MET B 83 -0.18 -22.68 2.27
C MET B 83 -0.13 -23.87 3.21
N ASP B 84 0.37 -23.64 4.42
CA ASP B 84 0.44 -24.68 5.43
C ASP B 84 -0.93 -25.39 5.47
N PHE B 85 -0.93 -26.72 5.59
CA PHE B 85 -2.19 -27.47 5.62
C PHE B 85 -3.06 -27.09 6.81
N ARG B 86 -2.43 -26.58 7.85
CA ARG B 86 -3.16 -26.20 9.03
C ARG B 86 -3.94 -24.90 8.92
N ASN B 87 -3.47 -23.99 8.07
CA ASN B 87 -4.13 -22.68 7.92
C ASN B 87 -5.56 -22.60 7.41
N GLU B 88 -6.25 -21.53 7.81
CA GLU B 88 -7.64 -21.27 7.41
C GLU B 88 -7.67 -20.01 6.54
N LEU B 89 -8.65 -19.93 5.65
CA LEU B 89 -8.82 -18.79 4.74
C LEU B 89 -9.66 -17.62 5.26
N LYS B 90 -10.97 -17.83 5.33
CA LYS B 90 -11.89 -16.79 5.75
C LYS B 90 -11.77 -16.38 7.21
N ASN B 91 -11.04 -17.15 7.99
CA ASN B 91 -10.84 -16.83 9.41
C ASN B 91 -9.39 -17.07 9.79
N LEU B 92 -8.51 -16.42 9.05
CA LEU B 92 -7.06 -16.51 9.20
C LEU B 92 -6.57 -16.71 10.62
N ASN B 93 -5.58 -17.58 10.78
CA ASN B 93 -5.01 -17.85 12.08
C ASN B 93 -4.16 -16.62 12.40
N HIS B 94 -3.40 -16.66 13.49
CA HIS B 94 -2.56 -15.52 13.83
C HIS B 94 -1.40 -15.40 12.85
N ASN B 95 -0.86 -16.55 12.48
CA ASN B 95 0.25 -16.60 11.54
C ASN B 95 -0.07 -17.62 10.46
N THR B 96 -0.11 -17.13 9.23
CA THR B 96 -0.37 -17.97 8.08
C THR B 96 0.93 -17.99 7.29
N ILE B 97 1.31 -19.18 6.82
CA ILE B 97 2.57 -19.32 6.11
C ILE B 97 2.39 -19.91 4.71
N LEU B 98 3.21 -19.42 3.78
CA LEU B 98 3.20 -19.90 2.41
C LEU B 98 4.61 -20.39 2.19
N TYR B 99 4.75 -21.49 1.47
CA TYR B 99 6.07 -22.03 1.18
C TYR B 99 6.28 -22.08 -0.33
N GLY B 100 7.54 -21.97 -0.75
CA GLY B 100 7.88 -22.02 -2.15
C GLY B 100 9.37 -22.26 -2.36
N HIS B 101 9.72 -22.88 -3.48
CA HIS B 101 11.11 -23.18 -3.80
C HIS B 101 11.95 -21.94 -4.05
N HIS B 102 13.26 -22.14 -4.04
CA HIS B 102 14.23 -21.07 -4.22
C HIS B 102 15.38 -21.68 -5.03
N VAL B 103 15.04 -22.33 -6.14
CA VAL B 103 16.01 -23.02 -6.98
C VAL B 103 17.03 -22.21 -7.77
N GLY B 104 17.03 -20.88 -7.65
CA GLY B 104 18.01 -20.13 -8.40
C GLY B 104 17.57 -19.48 -9.69
N ASP B 105 16.71 -20.13 -10.48
CA ASP B 105 16.25 -19.46 -11.69
C ASP B 105 15.38 -18.34 -11.13
N ASN B 106 14.74 -17.51 -11.95
CA ASN B 106 13.95 -16.47 -11.31
C ASN B 106 12.49 -16.85 -11.26
N THR B 107 12.16 -17.72 -10.32
CA THR B 107 10.78 -18.18 -10.19
C THR B 107 10.36 -18.51 -8.76
N MET B 108 9.06 -18.74 -8.60
CA MET B 108 8.49 -19.08 -7.32
C MET B 108 8.97 -18.11 -6.22
N PHE B 109 9.63 -18.60 -5.18
CA PHE B 109 10.08 -17.70 -4.10
C PHE B 109 11.51 -17.24 -4.16
N ASP B 110 12.09 -17.20 -5.36
CA ASP B 110 13.47 -16.71 -5.44
C ASP B 110 13.53 -15.23 -5.12
N VAL B 111 12.37 -14.58 -5.17
CA VAL B 111 12.30 -13.15 -4.87
C VAL B 111 12.50 -12.89 -3.38
N LEU B 112 12.16 -13.86 -2.55
CA LEU B 112 12.31 -13.69 -1.11
C LEU B 112 13.72 -13.24 -0.71
N GLU B 113 14.72 -13.65 -1.49
CA GLU B 113 16.11 -13.29 -1.20
C GLU B 113 16.31 -11.79 -1.37
N ASP B 114 15.56 -11.22 -2.30
CA ASP B 114 15.62 -9.80 -2.61
C ASP B 114 15.19 -8.91 -1.45
N TYR B 115 14.36 -9.44 -0.56
CA TYR B 115 13.89 -8.68 0.60
C TYR B 115 14.92 -8.59 1.71
N LEU B 116 16.11 -9.15 1.46
CA LEU B 116 17.19 -9.11 2.43
C LEU B 116 17.99 -7.83 2.21
N LYS B 117 17.69 -7.12 1.13
CA LYS B 117 18.34 -5.85 0.81
C LYS B 117 17.35 -4.72 1.08
N GLN B 118 17.75 -3.76 1.91
CA GLN B 118 16.88 -2.65 2.28
C GLN B 118 16.34 -1.89 1.10
N SER B 119 17.18 -1.71 0.08
CA SER B 119 16.78 -0.96 -1.11
C SER B 119 15.61 -1.58 -1.86
N PHE B 120 15.65 -2.90 -2.04
CA PHE B 120 14.58 -3.60 -2.76
C PHE B 120 13.30 -3.52 -1.94
N TYR B 121 13.42 -3.65 -0.63
CA TYR B 121 12.24 -3.57 0.22
C TYR B 121 11.58 -2.20 0.06
N GLU B 122 12.39 -1.14 0.02
CA GLU B 122 11.85 0.21 -0.12
C GLU B 122 11.05 0.34 -1.41
N LYS B 123 11.34 -0.51 -2.38
CA LYS B 123 10.65 -0.48 -3.65
C LYS B 123 9.51 -1.52 -3.73
N HIS B 124 9.41 -2.38 -2.73
CA HIS B 124 8.37 -3.43 -2.73
C HIS B 124 7.89 -3.70 -1.32
N LYS B 125 7.44 -2.64 -0.64
CA LYS B 125 6.97 -2.75 0.74
C LYS B 125 5.66 -3.53 0.88
N ILE B 126 4.90 -3.61 -0.20
CA ILE B 126 3.63 -4.30 -0.15
C ILE B 126 3.42 -5.36 -1.24
N ILE B 127 3.02 -6.56 -0.81
CA ILE B 127 2.73 -7.67 -1.71
C ILE B 127 1.23 -7.93 -1.71
N GLU B 128 0.68 -8.24 -2.88
CA GLU B 128 -0.75 -8.51 -3.04
C GLU B 128 -1.13 -9.99 -2.80
N PHE B 129 -2.11 -10.21 -1.93
CA PHE B 129 -2.59 -11.57 -1.68
C PHE B 129 -4.10 -11.58 -1.83
N ASP B 130 -4.59 -12.29 -2.85
CA ASP B 130 -6.01 -12.39 -3.14
C ASP B 130 -6.57 -13.77 -2.90
N ASN B 131 -7.84 -13.82 -2.49
CA ASN B 131 -8.52 -15.09 -2.28
C ASN B 131 -10.02 -14.94 -2.44
N LYS B 132 -10.72 -16.06 -2.42
CA LYS B 132 -12.17 -16.13 -2.57
C LYS B 132 -12.88 -15.14 -1.66
N TYR B 133 -12.23 -14.83 -0.54
CA TYR B 133 -12.76 -13.94 0.48
C TYR B 133 -12.33 -12.48 0.45
N GLY B 134 -11.53 -12.10 -0.53
CA GLY B 134 -11.14 -10.71 -0.61
C GLY B 134 -9.71 -10.45 -1.05
N LYS B 135 -9.43 -9.17 -1.32
CA LYS B 135 -8.10 -8.71 -1.71
C LYS B 135 -7.41 -8.26 -0.43
N TYR B 136 -6.16 -8.69 -0.27
CA TYR B 136 -5.38 -8.35 0.91
C TYR B 136 -4.04 -7.74 0.51
N GLN B 137 -3.44 -7.04 1.46
CA GLN B 137 -2.13 -6.43 1.30
C GLN B 137 -1.18 -7.09 2.28
N LEU B 138 0.02 -7.37 1.80
CA LEU B 138 1.03 -7.98 2.64
C LEU B 138 2.11 -6.93 2.83
N GLN B 139 2.02 -6.19 3.93
CA GLN B 139 2.97 -5.14 4.24
C GLN B 139 4.18 -5.77 4.92
N VAL B 140 5.24 -5.98 4.16
CA VAL B 140 6.46 -6.60 4.67
C VAL B 140 7.04 -5.79 5.84
N PHE B 141 7.37 -6.46 6.94
CA PHE B 141 7.96 -5.75 8.07
C PHE B 141 9.20 -6.48 8.60
N SER B 142 9.39 -7.72 8.15
CA SER B 142 10.53 -8.54 8.56
C SER B 142 11.05 -9.38 7.38
N ALA B 143 12.36 -9.65 7.38
CA ALA B 143 12.99 -10.44 6.33
C ALA B 143 14.40 -10.86 6.74
N TYR B 144 14.64 -12.16 6.83
CA TYR B 144 15.95 -12.65 7.24
C TYR B 144 16.22 -14.08 6.80
N LYS B 145 17.39 -14.60 7.18
CA LYS B 145 17.76 -15.97 6.86
C LYS B 145 17.86 -16.78 8.14
N THR B 146 17.42 -18.04 8.08
CA THR B 146 17.49 -18.88 9.26
C THR B 146 17.82 -20.32 8.89
N THR B 147 17.68 -21.21 9.86
CA THR B 147 17.97 -22.64 9.66
C THR B 147 17.48 -23.45 10.86
N ILE B 153 6.26 -21.41 11.51
CA ILE B 153 5.83 -22.79 11.75
C ILE B 153 4.72 -22.77 12.75
N ARG B 154 4.82 -21.86 13.72
CA ARG B 154 3.81 -21.71 14.74
C ARG B 154 2.61 -20.98 14.13
N THR B 155 1.48 -21.69 14.04
CA THR B 155 0.25 -21.16 13.47
C THR B 155 -0.53 -20.33 14.46
N ASP B 156 -0.80 -20.92 15.63
CA ASP B 156 -1.54 -20.24 16.67
C ASP B 156 -0.85 -20.25 18.02
N PHE B 157 -1.36 -19.43 18.92
CA PHE B 157 -0.80 -19.32 20.25
C PHE B 157 -1.94 -19.42 21.28
N GLU B 158 -1.61 -19.25 22.55
CA GLU B 158 -2.61 -19.34 23.62
C GLU B 158 -2.72 -17.99 24.32
N ASN B 159 -1.59 -17.30 24.44
CA ASN B 159 -1.55 -15.99 25.12
C ASN B 159 -1.03 -14.89 24.22
N ASP B 160 -1.59 -13.69 24.38
CA ASP B 160 -1.17 -12.54 23.60
C ASP B 160 0.32 -12.31 23.79
N GLN B 161 0.78 -12.41 25.03
CA GLN B 161 2.20 -12.22 25.34
C GLN B 161 3.02 -13.32 24.66
N ASP B 162 2.34 -14.41 24.32
CA ASP B 162 2.97 -15.52 23.63
C ASP B 162 3.22 -15.00 22.21
N TYR B 163 2.14 -14.56 21.57
CA TYR B 163 2.16 -14.02 20.22
C TYR B 163 3.09 -12.81 20.18
N GLN B 164 3.00 -11.98 21.21
CA GLN B 164 3.79 -10.76 21.34
C GLN B 164 5.29 -11.03 21.32
N GLN B 165 5.71 -12.06 22.03
CA GLN B 165 7.13 -12.41 22.09
C GLN B 165 7.59 -13.08 20.81
N PHE B 166 6.63 -13.48 19.98
CA PHE B 166 6.89 -14.09 18.68
C PHE B 166 7.14 -12.94 17.70
N LEU B 167 6.34 -11.88 17.85
CA LEU B 167 6.41 -10.67 17.03
C LEU B 167 7.69 -9.89 17.32
N ASP B 168 8.08 -9.86 18.58
CA ASP B 168 9.31 -9.17 18.98
C ASP B 168 10.50 -9.80 18.28
N GLU B 169 10.64 -11.12 18.47
CA GLU B 169 11.74 -11.86 17.88
C GLU B 169 11.70 -11.77 16.36
N THR B 170 10.51 -11.92 15.78
CA THR B 170 10.40 -11.80 14.33
C THR B 170 10.96 -10.42 13.92
N LYS B 171 10.72 -9.41 14.74
CA LYS B 171 11.23 -8.08 14.42
C LYS B 171 12.73 -7.99 14.70
N ARG B 172 13.19 -8.63 15.77
CA ARG B 172 14.62 -8.61 16.09
C ARG B 172 15.48 -9.20 14.98
N LYS B 173 14.95 -10.21 14.29
CA LYS B 173 15.65 -10.90 13.21
C LYS B 173 15.74 -10.19 11.87
N SER B 174 14.81 -9.29 11.57
CA SER B 174 14.82 -8.58 10.28
C SER B 174 16.21 -8.12 9.90
N VAL B 175 16.48 -8.12 8.60
CA VAL B 175 17.77 -7.69 8.06
C VAL B 175 17.55 -6.32 7.43
N ILE B 176 16.30 -5.88 7.49
CA ILE B 176 15.89 -4.59 6.94
C ILE B 176 15.02 -3.91 8.01
N ASN B 177 14.88 -2.60 7.93
CA ASN B 177 14.04 -1.88 8.90
C ASN B 177 12.86 -1.29 8.15
N SER B 178 11.68 -1.48 8.71
CA SER B 178 10.46 -0.96 8.11
C SER B 178 9.63 -0.29 9.18
N ASP B 179 8.82 0.68 8.78
CA ASP B 179 7.98 1.41 9.72
C ASP B 179 6.78 0.59 10.18
N VAL B 180 6.12 -0.07 9.23
CA VAL B 180 4.94 -0.89 9.51
C VAL B 180 4.90 -1.34 10.97
N ASN B 181 3.75 -1.17 11.59
CA ASN B 181 3.58 -1.53 13.00
C ASN B 181 2.58 -2.66 13.19
N VAL B 182 3.01 -3.69 13.91
CA VAL B 182 2.18 -4.87 14.18
C VAL B 182 1.92 -5.04 15.69
N THR B 183 0.68 -5.36 16.04
CA THR B 183 0.31 -5.58 17.43
C THR B 183 -0.22 -7.00 17.56
N VAL B 184 -0.44 -7.42 18.80
CA VAL B 184 -0.96 -8.77 19.05
C VAL B 184 -2.39 -8.89 18.56
N LYS B 185 -2.87 -7.86 17.86
CA LYS B 185 -4.24 -7.89 17.39
C LYS B 185 -4.28 -8.04 15.87
N ASP B 186 -3.13 -7.81 15.22
CA ASP B 186 -3.05 -7.93 13.78
C ASP B 186 -2.81 -9.37 13.34
N LYS B 187 -3.10 -9.65 12.06
CA LYS B 187 -2.88 -10.97 11.49
C LYS B 187 -1.55 -10.91 10.73
N ILE B 188 -0.84 -12.04 10.74
CA ILE B 188 0.48 -12.16 10.12
C ILE B 188 0.61 -13.26 9.06
N MET B 189 1.43 -13.01 8.04
CA MET B 189 1.68 -14.04 7.02
C MET B 189 3.19 -14.25 6.91
N THR B 190 3.58 -15.52 6.86
CA THR B 190 4.98 -15.86 6.75
C THR B 190 5.22 -16.46 5.39
N LEU B 191 6.19 -15.90 4.66
CA LEU B 191 6.55 -16.42 3.36
C LEU B 191 7.93 -17.04 3.57
N SER B 192 8.00 -18.35 3.37
CA SER B 192 9.23 -19.11 3.60
C SER B 192 9.65 -19.96 2.41
N THR B 193 10.95 -19.99 2.14
CA THR B 193 11.48 -20.80 1.04
C THR B 193 11.57 -22.23 1.60
N CYS B 194 11.37 -23.21 0.74
CA CYS B 194 11.43 -24.59 1.21
C CYS B 194 12.34 -25.44 0.34
N GLU B 195 12.63 -26.63 0.83
CA GLU B 195 13.49 -27.60 0.16
C GLU B 195 12.69 -28.83 -0.21
N ASP B 196 13.28 -29.68 -1.05
CA ASP B 196 12.64 -30.93 -1.43
C ASP B 196 12.63 -31.77 -0.17
N ALA B 197 11.76 -32.77 -0.10
CA ALA B 197 11.71 -33.62 1.09
C ALA B 197 13.10 -34.21 1.42
N TYR B 198 13.46 -34.17 2.71
CA TYR B 198 14.75 -34.70 3.17
C TYR B 198 15.97 -34.09 2.49
N SER B 199 16.20 -32.79 2.69
CA SER B 199 17.36 -32.11 2.11
C SER B 199 18.07 -31.25 3.14
N GLU B 200 19.31 -31.61 3.46
CA GLU B 200 20.08 -30.90 4.47
C GLU B 200 20.39 -29.42 4.25
N THR B 201 20.34 -28.95 3.00
CA THR B 201 20.59 -27.54 2.76
C THR B 201 19.47 -26.85 3.56
N THR B 202 19.80 -26.52 4.81
CA THR B 202 18.84 -25.90 5.72
C THR B 202 18.84 -24.37 5.81
N LYS B 203 19.53 -23.71 4.86
CA LYS B 203 19.59 -22.25 4.85
C LYS B 203 18.43 -21.60 4.10
N ARG B 204 17.34 -21.32 4.80
CA ARG B 204 16.14 -20.72 4.20
C ARG B 204 15.93 -19.23 4.47
N ILE B 205 15.13 -18.61 3.61
CA ILE B 205 14.81 -17.19 3.71
C ILE B 205 13.39 -17.06 4.27
N VAL B 206 13.13 -15.96 4.97
CA VAL B 206 11.80 -15.74 5.54
C VAL B 206 11.43 -14.28 5.44
N VAL B 207 10.24 -13.99 4.91
CA VAL B 207 9.75 -12.63 4.83
C VAL B 207 8.38 -12.67 5.50
N VAL B 208 8.19 -11.87 6.54
CA VAL B 208 6.93 -11.85 7.27
C VAL B 208 6.31 -10.49 7.04
N ALA B 209 5.00 -10.46 6.86
CA ALA B 209 4.29 -9.20 6.62
C ALA B 209 2.98 -9.14 7.40
N LYS B 210 2.46 -7.92 7.55
CA LYS B 210 1.19 -7.72 8.24
C LYS B 210 0.07 -7.78 7.21
N ILE B 211 -0.92 -8.64 7.45
CA ILE B 211 -2.02 -8.77 6.50
C ILE B 211 -3.07 -7.68 6.73
N ILE B 212 -3.50 -7.06 5.65
CA ILE B 212 -4.50 -6.01 5.73
C ILE B 212 -5.53 -6.31 4.66
N LYS B 213 -6.80 -6.36 5.04
CA LYS B 213 -7.87 -6.63 4.08
C LYS B 213 -8.22 -5.30 3.41
N VAL B 214 -8.36 -5.29 2.09
CA VAL B 214 -8.65 -4.05 1.39
C VAL B 214 -9.81 -4.14 0.40
N SER B 215 -10.31 -5.35 0.18
CA SER B 215 -11.41 -5.58 -0.75
C SER B 215 -12.74 -5.05 -0.21
#